data_3CBJ
#
_entry.id   3CBJ
#
_cell.length_a   135.255
_cell.length_b   30.778
_cell.length_c   79.745
_cell.angle_alpha   90.00
_cell.angle_beta   92.68
_cell.angle_gamma   90.00
#
_symmetry.space_group_name_H-M   'C 1 2 1'
#
loop_
_entity.id
_entity.type
_entity.pdbx_description
1 polymer 'Cathepsin B'
2 polymer Chagasin
3 non-polymer 'PHOSPHATE ION'
4 water water
#
loop_
_entity_poly.entity_id
_entity_poly.type
_entity_poly.pdbx_seq_one_letter_code
_entity_poly.pdbx_strand_id
1 'polypeptide(L)'
;FTEDLKLPASFDAREQWPQCPTIKEIRDQGSCGSAWAFGAVEAISDRICIHTNAHVSVEVSAEDLLTCCGSMCGDGCNGG
YPAEAWNFWTRKGLVSGGLYESHVGCRPYSIPPCEAHVNGARPPCTGEGDTPKCSKICEPGYSPTYKQDKHYGYNSYSVS
NSEKDIMAEIYKNGPVEGAFSVYSDFLLYKSGVYQHVTGEMMGGHAIRILGWGVENGTPYWLVANSWNTDWGDNGFFKIL
RGQDHCGIESEVVAGIPRTDQYWEKI
;
A
2 'polypeptide(L)'
;MSHKVTKAHNGATLTVAVGELVEIQLPSNPTTGFAWYFEGGTKESPNESMFTVENKYFPPDSKLLGAGGTEHFHVTVKAA
GTHAVNLTYMRPWTGPSHDSERFTVYLKAN
;
B
#
loop_
_chem_comp.id
_chem_comp.type
_chem_comp.name
_chem_comp.formula
PO4 non-polymer 'PHOSPHATE ION' 'O4 P -3'
#
# COMPACT_ATOMS: atom_id res chain seq x y z
N ASP A 4 -5.59 34.11 -15.20
CA ASP A 4 -6.64 33.17 -15.71
C ASP A 4 -6.19 31.69 -15.72
N LEU A 5 -4.98 31.44 -15.23
CA LEU A 5 -4.49 30.09 -14.95
C LEU A 5 -3.44 30.15 -13.85
N LYS A 6 -3.66 31.05 -12.88
CA LYS A 6 -2.71 31.29 -11.81
C LYS A 6 -2.93 30.28 -10.68
N LEU A 7 -2.13 29.21 -10.69
CA LEU A 7 -2.15 28.20 -9.62
C LEU A 7 -1.63 28.77 -8.30
N PRO A 8 -2.29 28.43 -7.16
CA PRO A 8 -1.78 28.88 -5.87
C PRO A 8 -0.50 28.17 -5.48
N ALA A 9 0.26 28.75 -4.55
CA ALA A 9 1.51 28.16 -4.13
C ALA A 9 1.27 26.85 -3.39
N SER A 10 0.15 26.77 -2.68
CA SER A 10 -0.27 25.51 -2.02
C SER A 10 -1.74 25.26 -2.26
N PHE A 11 -2.16 24.01 -2.15
CA PHE A 11 -3.54 23.66 -2.36
C PHE A 11 -3.75 22.36 -1.63
N ASP A 12 -4.84 22.23 -0.90
CA ASP A 12 -5.12 20.99 -0.18
C ASP A 12 -6.59 20.68 -0.47
N ALA A 13 -6.83 19.59 -1.17
CA ALA A 13 -8.20 19.21 -1.52
C ALA A 13 -9.13 19.17 -0.30
N ARG A 14 -8.59 18.82 0.88
CA ARG A 14 -9.43 18.74 2.11
C ARG A 14 -9.95 20.10 2.49
N GLU A 15 -9.20 21.15 2.16
CA GLU A 15 -9.63 22.50 2.44
C GLU A 15 -10.52 23.07 1.34
N GLN A 16 -10.25 22.73 0.07
CA GLN A 16 -11.06 23.30 -1.00
C GLN A 16 -12.46 22.68 -0.97
N TRP A 17 -12.52 21.42 -0.59
CA TRP A 17 -13.80 20.74 -0.56
C TRP A 17 -14.10 20.16 0.85
N PRO A 18 -14.39 21.05 1.82
CA PRO A 18 -14.43 20.65 3.21
C PRO A 18 -15.67 19.83 3.59
N GLN A 19 -16.66 19.76 2.69
CA GLN A 19 -17.86 18.92 2.94
C GLN A 19 -17.80 17.54 2.27
N CYS A 20 -16.60 17.16 1.83
CA CYS A 20 -16.34 15.88 1.21
C CYS A 20 -15.45 15.10 2.18
N PRO A 21 -16.07 14.39 3.16
CA PRO A 21 -15.26 13.73 4.21
C PRO A 21 -14.31 12.67 3.63
N THR A 22 -14.63 12.04 2.48
CA THR A 22 -13.77 10.96 2.02
C THR A 22 -12.37 11.46 1.70
N ILE A 23 -12.27 12.73 1.36
CA ILE A 23 -10.94 13.30 1.02
C ILE A 23 -9.98 13.19 2.21
N LYS A 24 -10.54 13.27 3.41
CA LYS A 24 -9.77 13.24 4.63
C LYS A 24 -9.49 11.82 5.06
N GLU A 25 -10.18 10.83 4.48
CA GLU A 25 -10.25 9.46 5.01
C GLU A 25 -9.11 8.55 4.55
N ILE A 26 -8.47 7.91 5.54
CA ILE A 26 -7.35 7.02 5.26
C ILE A 26 -7.84 5.59 5.38
N ARG A 27 -7.50 4.78 4.39
CA ARG A 27 -7.93 3.36 4.38
C ARG A 27 -6.72 2.47 4.71
N ASP A 28 -6.98 1.21 4.92
CA ASP A 28 -5.89 0.25 5.11
C ASP A 28 -6.14 -0.96 4.18
N GLN A 29 -5.22 -1.14 3.26
CA GLN A 29 -5.27 -2.29 2.35
C GLN A 29 -5.03 -3.63 3.07
N GLY A 30 -4.51 -3.58 4.30
CA GLY A 30 -4.16 -4.80 5.03
C GLY A 30 -3.01 -5.57 4.36
N SER A 31 -2.99 -6.88 4.52
CA SER A 31 -1.92 -7.71 3.92
C SER A 31 -2.59 -8.27 2.64
C SER A 31 -1.90 -7.93 2.39
N CYS A 32 -2.87 -7.35 1.72
CA CYS A 32 -3.25 -7.65 0.33
C CYS A 32 -2.56 -6.59 -0.54
N GLY A 33 -2.01 -7.01 -1.68
CA GLY A 33 -1.33 -6.09 -2.63
C GLY A 33 -2.38 -5.33 -3.45
N SER A 34 -3.28 -4.62 -2.77
CA SER A 34 -4.40 -3.94 -3.45
C SER A 34 -4.32 -2.42 -3.45
N ALA A 35 -3.15 -1.85 -3.20
CA ALA A 35 -3.03 -0.39 -3.24
C ALA A 35 -3.45 0.18 -4.59
N TRP A 36 -3.24 -0.59 -5.67
CA TRP A 36 -3.65 -0.16 -7.00
C TRP A 36 -5.14 0.16 -7.02
N ALA A 37 -5.90 -0.66 -6.30
CA ALA A 37 -7.37 -0.49 -6.20
C ALA A 37 -7.71 0.65 -5.24
N PHE A 38 -6.99 0.75 -4.12
CA PHE A 38 -7.30 1.78 -3.14
C PHE A 38 -7.08 3.18 -3.68
N GLY A 39 -5.94 3.37 -4.34
CA GLY A 39 -5.61 4.71 -4.91
C GLY A 39 -6.78 5.13 -5.80
N ALA A 40 -7.29 4.17 -6.59
CA ALA A 40 -8.37 4.46 -7.53
C ALA A 40 -9.67 4.84 -6.79
N VAL A 41 -10.20 3.92 -5.97
CA VAL A 41 -11.50 4.17 -5.33
C VAL A 41 -11.46 5.34 -4.40
N GLU A 42 -10.30 5.60 -3.77
CA GLU A 42 -10.18 6.80 -2.93
C GLU A 42 -10.37 8.08 -3.76
N ALA A 43 -9.65 8.20 -4.86
CA ALA A 43 -9.72 9.45 -5.67
C ALA A 43 -11.08 9.49 -6.36
N ILE A 44 -11.63 8.33 -6.74
CA ILE A 44 -12.96 8.32 -7.34
C ILE A 44 -14.01 8.81 -6.32
N SER A 45 -13.98 8.32 -5.08
CA SER A 45 -14.89 8.81 -4.03
C SER A 45 -14.86 10.33 -3.92
N ASP A 46 -13.63 10.87 -3.87
CA ASP A 46 -13.39 12.29 -3.73
C ASP A 46 -14.03 12.99 -4.91
N ARG A 47 -13.74 12.51 -6.10
CA ARG A 47 -14.23 13.21 -7.31
C ARG A 47 -15.75 13.16 -7.42
N ILE A 48 -16.40 12.10 -6.96
CA ILE A 48 -17.88 12.10 -7.04
C ILE A 48 -18.48 13.22 -6.16
N CYS A 49 -17.90 13.37 -4.99
CA CYS A 49 -18.35 14.38 -4.05
C CYS A 49 -18.05 15.80 -4.61
N ILE A 50 -16.88 15.96 -5.18
CA ILE A 50 -16.49 17.25 -5.77
C ILE A 50 -17.44 17.61 -6.95
N HIS A 51 -17.63 16.62 -7.82
CA HIS A 51 -18.44 16.78 -9.00
C HIS A 51 -19.85 17.23 -8.66
N THR A 52 -20.37 16.81 -7.49
CA THR A 52 -21.76 17.05 -7.12
C THR A 52 -21.91 18.10 -6.01
N ASN A 53 -20.85 18.87 -5.80
CA ASN A 53 -20.80 19.90 -4.76
C ASN A 53 -21.29 19.36 -3.42
N ALA A 54 -20.78 18.18 -3.10
CA ALA A 54 -21.09 17.48 -1.83
C ALA A 54 -22.49 16.97 -1.66
N HIS A 55 -23.28 16.97 -2.73
CA HIS A 55 -24.62 16.36 -2.63
C HIS A 55 -24.57 14.84 -2.59
N VAL A 56 -23.52 14.26 -3.20
CA VAL A 56 -23.27 12.81 -3.14
C VAL A 56 -21.93 12.55 -2.52
N SER A 57 -21.92 11.90 -1.37
CA SER A 57 -20.65 11.62 -0.71
C SER A 57 -20.71 10.19 -0.34
N VAL A 58 -19.90 9.38 -1.00
CA VAL A 58 -19.98 7.92 -0.88
C VAL A 58 -18.57 7.36 -0.79
N GLU A 59 -18.39 6.28 -0.05
CA GLU A 59 -17.11 5.60 -0.04
C GLU A 59 -17.26 4.52 -1.10
N VAL A 60 -16.48 4.65 -2.17
CA VAL A 60 -16.57 3.68 -3.29
C VAL A 60 -15.78 2.42 -2.91
N SER A 61 -16.33 1.26 -3.22
CA SER A 61 -15.80 -0.02 -2.72
C SER A 61 -14.48 -0.52 -3.32
N ALA A 62 -13.44 -0.57 -2.50
CA ALA A 62 -12.20 -1.24 -2.89
C ALA A 62 -12.48 -2.71 -3.17
N GLU A 63 -13.36 -3.30 -2.36
CA GLU A 63 -13.68 -4.72 -2.49
C GLU A 63 -14.24 -5.04 -3.87
N ASP A 64 -15.16 -4.20 -4.35
CA ASP A 64 -15.77 -4.42 -5.65
C ASP A 64 -14.74 -4.45 -6.74
N LEU A 65 -13.87 -3.43 -6.75
CA LEU A 65 -12.84 -3.30 -7.76
C LEU A 65 -11.84 -4.46 -7.66
N LEU A 66 -11.40 -4.75 -6.44
CA LEU A 66 -10.37 -5.77 -6.22
C LEU A 66 -10.80 -7.12 -6.71
N THR A 67 -12.09 -7.39 -6.52
CA THR A 67 -12.60 -8.73 -6.77
C THR A 67 -13.24 -8.91 -8.11
N CYS A 68 -13.82 -7.85 -8.68
CA CYS A 68 -14.62 -8.01 -9.92
C CYS A 68 -13.92 -7.58 -11.22
N CYS A 69 -12.80 -6.87 -11.13
CA CYS A 69 -12.15 -6.40 -12.34
C CYS A 69 -11.53 -7.54 -13.16
N GLY A 70 -10.94 -8.53 -12.49
CA GLY A 70 -10.30 -9.65 -13.20
C GLY A 70 -9.10 -9.27 -14.10
N SER A 71 -8.96 -9.91 -15.27
CA SER A 71 -7.73 -9.82 -16.08
C SER A 71 -7.30 -8.43 -16.36
N MET A 72 -8.25 -7.58 -16.70
CA MET A 72 -7.92 -6.24 -17.14
C MET A 72 -7.08 -5.58 -16.05
N CYS A 73 -7.38 -5.87 -14.79
CA CYS A 73 -6.76 -5.13 -13.67
C CYS A 73 -5.53 -5.78 -13.04
N GLY A 74 -5.20 -7.01 -13.42
CA GLY A 74 -4.02 -7.68 -12.91
C GLY A 74 -4.44 -8.91 -12.12
N ASP A 75 -4.03 -8.98 -10.86
CA ASP A 75 -4.11 -10.20 -10.03
C ASP A 75 -4.61 -9.97 -8.59
N GLY A 76 -5.57 -9.06 -8.44
CA GLY A 76 -6.29 -8.95 -7.17
C GLY A 76 -5.33 -8.56 -6.06
N CYS A 77 -5.25 -9.40 -5.03
CA CYS A 77 -4.35 -9.18 -3.88
C CYS A 77 -2.89 -9.41 -4.21
N ASN A 78 -2.63 -9.92 -5.39
CA ASN A 78 -1.26 -10.11 -5.82
C ASN A 78 -0.85 -9.08 -6.84
N GLY A 79 -1.50 -7.93 -6.77
CA GLY A 79 -1.05 -6.73 -7.51
C GLY A 79 -1.92 -6.41 -8.69
N GLY A 80 -1.80 -5.17 -9.16
CA GLY A 80 -2.71 -4.73 -10.22
C GLY A 80 -2.28 -3.41 -10.85
N TYR A 81 -3.16 -2.88 -11.69
CA TYR A 81 -2.81 -1.78 -12.61
C TYR A 81 -3.77 -0.60 -12.40
N PRO A 82 -3.28 0.53 -11.91
CA PRO A 82 -4.15 1.74 -11.74
C PRO A 82 -4.94 2.19 -12.98
N ALA A 83 -4.30 2.40 -14.13
CA ALA A 83 -5.06 2.94 -15.29
C ALA A 83 -6.29 2.07 -15.58
N GLU A 84 -6.07 0.77 -15.43
CA GLU A 84 -7.06 -0.23 -15.80
C GLU A 84 -8.21 -0.21 -14.79
N ALA A 85 -7.91 0.13 -13.53
CA ALA A 85 -8.95 0.29 -12.50
C ALA A 85 -9.93 1.39 -12.92
N TRP A 86 -9.41 2.53 -13.35
CA TRP A 86 -10.28 3.62 -13.76
C TRP A 86 -11.08 3.28 -15.02
N ASN A 87 -10.46 2.56 -15.97
CA ASN A 87 -11.18 2.06 -17.15
C ASN A 87 -12.35 1.14 -16.74
N PHE A 88 -12.12 0.25 -15.79
CA PHE A 88 -13.21 -0.59 -15.24
C PHE A 88 -14.40 0.21 -14.68
N TRP A 89 -14.10 1.27 -13.94
CA TRP A 89 -15.13 2.16 -13.38
C TRP A 89 -15.96 2.79 -14.51
N THR A 90 -15.34 3.10 -15.65
CA THR A 90 -16.09 3.67 -16.77
C THR A 90 -16.98 2.64 -17.44
N ARG A 91 -16.57 1.36 -17.36
CA ARG A 91 -17.23 0.31 -18.13
C ARG A 91 -18.28 -0.38 -17.25
N LYS A 92 -17.85 -0.91 -16.11
CA LYS A 92 -18.73 -1.65 -15.22
C LYS A 92 -19.23 -0.88 -13.98
N GLY A 93 -18.58 0.23 -13.65
CA GLY A 93 -18.95 0.98 -12.45
C GLY A 93 -18.52 0.27 -11.19
N LEU A 94 -18.65 0.94 -10.06
CA LEU A 94 -18.30 0.37 -8.79
C LEU A 94 -19.35 0.70 -7.74
N VAL A 95 -19.67 -0.27 -6.89
CA VAL A 95 -20.60 0.00 -5.79
C VAL A 95 -19.93 0.71 -4.60
N SER A 96 -20.73 1.14 -3.62
CA SER A 96 -20.20 1.67 -2.38
C SER A 96 -19.65 0.57 -1.47
N GLY A 97 -18.79 0.92 -0.53
CA GLY A 97 -18.28 -0.02 0.49
C GLY A 97 -17.21 0.67 1.31
N GLY A 98 -17.40 0.72 2.63
CA GLY A 98 -16.43 1.30 3.55
C GLY A 98 -15.32 0.38 4.09
N LEU A 99 -14.91 0.68 5.33
CA LEU A 99 -13.71 0.12 5.94
C LEU A 99 -14.09 -1.22 6.50
N TYR A 100 -13.08 -2.01 6.89
CA TYR A 100 -13.29 -3.31 7.50
C TYR A 100 -14.25 -3.27 8.69
N GLU A 101 -15.30 -4.09 8.62
CA GLU A 101 -16.34 -4.19 9.65
C GLU A 101 -17.07 -2.89 9.99
N SER A 102 -17.10 -1.97 9.04
CA SER A 102 -17.80 -0.71 9.17
C SER A 102 -19.31 -0.86 9.01
N HIS A 103 -19.74 -1.89 8.29
CA HIS A 103 -21.13 -1.99 7.78
C HIS A 103 -21.59 -0.76 7.00
N VAL A 104 -20.63 -0.13 6.31
CA VAL A 104 -20.90 1.02 5.45
C VAL A 104 -20.93 0.55 4.01
N GLY A 105 -22.05 0.82 3.35
CA GLY A 105 -22.17 0.61 1.91
C GLY A 105 -22.44 -0.82 1.51
N CYS A 106 -22.45 -1.05 0.21
CA CYS A 106 -22.79 -2.31 -0.37
C CYS A 106 -21.75 -3.41 -0.07
N ARG A 107 -20.48 -3.09 -0.30
CA ARG A 107 -19.41 -4.11 -0.17
C ARG A 107 -18.21 -3.55 0.57
N PRO A 108 -18.34 -3.47 1.91
CA PRO A 108 -17.23 -3.00 2.76
C PRO A 108 -16.02 -3.96 2.62
N TYR A 109 -14.81 -3.44 2.82
CA TYR A 109 -13.60 -4.20 2.61
C TYR A 109 -13.58 -5.35 3.58
N SER A 110 -13.23 -6.54 3.08
CA SER A 110 -13.32 -7.77 3.87
C SER A 110 -12.00 -8.23 4.50
N ILE A 111 -10.95 -7.44 4.32
CA ILE A 111 -9.63 -7.80 4.75
C ILE A 111 -9.29 -6.91 5.94
N PRO A 112 -8.91 -7.55 7.05
CA PRO A 112 -8.65 -6.82 8.29
C PRO A 112 -7.49 -5.83 8.20
N PRO A 113 -7.60 -4.70 8.93
CA PRO A 113 -6.50 -3.73 9.03
C PRO A 113 -5.34 -4.29 9.85
N CYS A 114 -4.17 -3.68 9.72
CA CYS A 114 -2.96 -4.23 10.31
C CYS A 114 -2.20 -3.29 11.24
N GLU A 115 -2.92 -2.32 11.82
CA GLU A 115 -2.28 -1.44 12.80
C GLU A 115 -2.14 -2.22 14.12
N ALA A 116 -1.31 -1.73 15.05
CA ALA A 116 -1.07 -2.47 16.28
C ALA A 116 -2.39 -2.89 16.92
N HIS A 117 -2.56 -4.18 17.21
CA HIS A 117 -3.80 -4.65 17.83
C HIS A 117 -3.57 -5.69 18.94
N VAL A 118 -4.39 -5.61 19.99
CA VAL A 118 -4.15 -6.38 21.23
C VAL A 118 -5.35 -7.16 21.74
N ASN A 119 -5.08 -8.37 22.25
CA ASN A 119 -6.06 -9.29 22.86
C ASN A 119 -7.05 -9.99 21.90
N GLY A 120 -6.82 -9.82 20.60
CA GLY A 120 -7.43 -10.63 19.53
C GLY A 120 -8.94 -10.67 19.37
N ALA A 121 -9.56 -9.50 19.21
CA ALA A 121 -10.97 -9.40 18.82
C ALA A 121 -11.08 -9.16 17.30
N ARG A 122 -10.06 -9.61 16.56
CA ARG A 122 -9.96 -9.47 15.11
C ARG A 122 -9.12 -10.59 14.48
N PRO A 123 -9.55 -11.10 13.31
CA PRO A 123 -8.70 -11.97 12.50
C PRO A 123 -7.38 -11.29 12.19
N PRO A 124 -6.27 -12.05 12.15
CA PRO A 124 -4.92 -11.51 12.04
C PRO A 124 -4.46 -11.18 10.60
N CYS A 125 -3.44 -10.33 10.47
CA CYS A 125 -2.82 -10.04 9.18
C CYS A 125 -1.80 -11.10 8.85
N THR A 126 -1.86 -11.59 7.61
CA THR A 126 -0.96 -12.67 7.16
C THR A 126 -0.28 -12.32 5.83
N GLY A 127 0.97 -12.71 5.66
CA GLY A 127 1.63 -12.51 4.36
C GLY A 127 0.86 -13.11 3.19
N GLU A 128 0.34 -14.32 3.39
CA GLU A 128 -0.39 -15.05 2.35
C GLU A 128 -1.91 -14.97 2.54
N GLY A 129 -2.57 -14.28 1.61
CA GLY A 129 -4.01 -14.09 1.62
C GLY A 129 -4.55 -14.29 0.21
N ASP A 130 -5.74 -14.87 0.12
CA ASP A 130 -6.42 -15.03 -1.15
C ASP A 130 -7.05 -13.68 -1.52
N THR A 131 -7.30 -13.49 -2.81
CA THR A 131 -8.22 -12.47 -3.29
C THR A 131 -9.65 -12.98 -3.01
N PRO A 132 -10.50 -12.17 -2.35
CA PRO A 132 -11.88 -12.66 -2.15
C PRO A 132 -12.66 -12.84 -3.46
N LYS A 133 -13.76 -13.58 -3.43
CA LYS A 133 -14.55 -13.80 -4.67
C LYS A 133 -15.37 -12.58 -5.10
N CYS A 134 -15.70 -12.48 -6.39
CA CYS A 134 -16.55 -11.39 -6.86
C CYS A 134 -17.98 -11.77 -6.55
N SER A 135 -18.52 -11.22 -5.48
CA SER A 135 -19.88 -11.47 -5.05
C SER A 135 -20.71 -10.26 -5.40
N LYS A 136 -21.65 -10.43 -6.33
CA LYS A 136 -22.45 -9.31 -6.81
C LYS A 136 -23.70 -9.10 -5.95
N ILE A 137 -23.50 -9.03 -4.64
CA ILE A 137 -24.58 -8.88 -3.68
C ILE A 137 -24.20 -7.87 -2.62
N CYS A 138 -25.15 -7.06 -2.15
CA CYS A 138 -24.84 -6.11 -1.10
C CYS A 138 -24.87 -6.77 0.26
N GLU A 139 -24.14 -6.20 1.22
CA GLU A 139 -24.13 -6.67 2.60
C GLU A 139 -25.56 -6.61 3.21
N PRO A 140 -25.92 -7.58 4.08
CA PRO A 140 -27.24 -7.53 4.71
C PRO A 140 -27.44 -6.21 5.43
N GLY A 141 -28.65 -5.66 5.34
CA GLY A 141 -28.96 -4.40 5.97
C GLY A 141 -28.81 -3.21 5.05
N TYR A 142 -27.96 -3.34 4.04
CA TYR A 142 -27.76 -2.26 3.07
C TYR A 142 -28.84 -2.34 2.01
N SER A 143 -29.53 -1.23 1.79
CA SER A 143 -30.84 -1.33 1.14
C SER A 143 -30.83 -1.43 -0.38
N PRO A 144 -30.14 -0.50 -1.07
CA PRO A 144 -30.16 -0.54 -2.54
C PRO A 144 -29.49 -1.82 -3.03
N THR A 145 -30.02 -2.44 -4.09
CA THR A 145 -29.41 -3.64 -4.70
C THR A 145 -28.01 -3.32 -5.22
N TYR A 146 -27.22 -4.36 -5.45
CA TYR A 146 -25.91 -4.24 -6.08
C TYR A 146 -25.94 -3.39 -7.36
N LYS A 147 -26.76 -3.79 -8.33
CA LYS A 147 -26.82 -3.08 -9.60
C LYS A 147 -27.23 -1.62 -9.45
N GLN A 148 -28.19 -1.34 -8.58
CA GLN A 148 -28.61 0.03 -8.36
C GLN A 148 -27.55 0.90 -7.68
N ASP A 149 -26.59 0.28 -6.99
CA ASP A 149 -25.63 1.05 -6.22
C ASP A 149 -24.39 1.41 -7.03
N LYS A 150 -24.37 1.09 -8.34
CA LYS A 150 -23.16 1.27 -9.15
C LYS A 150 -22.93 2.74 -9.49
N HIS A 151 -21.68 3.17 -9.36
CA HIS A 151 -21.27 4.51 -9.72
C HIS A 151 -20.32 4.39 -10.91
N TYR A 152 -20.56 5.16 -11.99
CA TYR A 152 -19.79 5.03 -13.23
C TYR A 152 -18.94 6.23 -13.52
N GLY A 153 -17.81 5.99 -14.20
CA GLY A 153 -16.98 7.02 -14.81
C GLY A 153 -17.42 7.43 -16.20
N TYR A 154 -17.30 8.74 -16.49
CA TYR A 154 -17.46 9.29 -17.85
C TYR A 154 -16.27 8.92 -18.69
N ASN A 155 -15.06 9.09 -18.12
CA ASN A 155 -13.84 8.79 -18.85
C ASN A 155 -12.72 8.41 -17.89
N SER A 156 -11.58 8.00 -18.45
CA SER A 156 -10.38 7.85 -17.65
C SER A 156 -9.25 8.23 -18.61
N TYR A 157 -8.13 8.69 -18.05
CA TYR A 157 -7.04 9.25 -18.87
C TYR A 157 -5.76 9.36 -18.07
N SER A 158 -4.62 9.42 -18.77
CA SER A 158 -3.34 9.67 -18.15
C SER A 158 -3.18 11.15 -18.06
N VAL A 159 -2.47 11.57 -17.04
CA VAL A 159 -2.09 12.94 -16.90
C VAL A 159 -0.61 12.98 -17.27
N SER A 160 -0.19 13.99 -18.03
CA SER A 160 1.21 14.00 -18.51
C SER A 160 2.20 14.16 -17.31
N ASN A 161 3.45 13.79 -17.56
CA ASN A 161 4.55 13.86 -16.58
C ASN A 161 5.02 15.28 -16.57
N SER A 162 4.24 16.12 -15.90
CA SER A 162 4.44 17.56 -15.89
C SER A 162 3.86 18.06 -14.57
N GLU A 163 4.70 18.67 -13.75
CA GLU A 163 4.25 19.18 -12.45
C GLU A 163 3.03 20.12 -12.62
N LYS A 164 3.17 21.07 -13.54
CA LYS A 164 2.05 22.03 -13.75
C LYS A 164 0.77 21.37 -14.24
N ASP A 165 0.86 20.35 -15.08
CA ASP A 165 -0.35 19.64 -15.54
C ASP A 165 -1.03 18.85 -14.42
N ILE A 166 -0.22 18.25 -13.54
CA ILE A 166 -0.81 17.49 -12.41
C ILE A 166 -1.46 18.46 -11.43
N MET A 167 -0.81 19.57 -11.14
CA MET A 167 -1.38 20.58 -10.23
C MET A 167 -2.71 21.10 -10.81
N ALA A 168 -2.71 21.44 -12.10
CA ALA A 168 -3.94 21.90 -12.84
C ALA A 168 -5.04 20.86 -12.70
N GLU A 169 -4.67 19.59 -12.89
CA GLU A 169 -5.64 18.52 -12.87
C GLU A 169 -6.28 18.43 -11.48
N ILE A 170 -5.45 18.44 -10.45
CA ILE A 170 -5.98 18.34 -9.08
C ILE A 170 -6.83 19.57 -8.74
N TYR A 171 -6.33 20.75 -9.11
CA TYR A 171 -7.04 22.03 -8.84
C TYR A 171 -8.44 22.07 -9.46
N LYS A 172 -8.55 21.58 -10.70
CA LYS A 172 -9.83 21.61 -11.46
C LYS A 172 -10.76 20.45 -11.13
N ASN A 173 -10.22 19.24 -11.09
CA ASN A 173 -11.07 18.03 -11.11
C ASN A 173 -10.99 17.14 -9.86
N GLY A 174 -10.00 17.41 -9.00
CA GLY A 174 -9.91 16.68 -7.73
C GLY A 174 -8.71 15.75 -7.65
N PRO A 175 -8.59 15.03 -6.52
CA PRO A 175 -7.42 14.15 -6.29
C PRO A 175 -7.24 13.11 -7.42
N VAL A 176 -5.99 12.70 -7.61
CA VAL A 176 -5.65 11.74 -8.66
C VAL A 176 -5.03 10.48 -8.04
N GLU A 177 -4.86 9.44 -8.84
CA GLU A 177 -4.04 8.30 -8.40
C GLU A 177 -2.68 8.44 -9.07
N GLY A 178 -1.63 8.08 -8.37
CA GLY A 178 -0.30 8.08 -8.97
C GLY A 178 0.42 6.85 -8.48
N ALA A 179 1.66 6.70 -8.92
CA ALA A 179 2.47 5.58 -8.46
C ALA A 179 3.91 6.06 -8.30
N PHE A 180 4.66 5.46 -7.37
CA PHE A 180 6.06 5.83 -7.24
C PHE A 180 6.85 4.65 -6.72
N SER A 181 8.17 4.72 -6.86
CA SER A 181 9.06 3.66 -6.38
C SER A 181 9.29 3.79 -4.87
N VAL A 182 8.98 2.72 -4.15
CA VAL A 182 9.17 2.66 -2.71
C VAL A 182 10.57 2.16 -2.43
N TYR A 183 11.31 2.95 -1.64
CA TYR A 183 12.59 2.53 -1.06
C TYR A 183 12.44 2.31 0.46
N SER A 184 13.35 1.53 1.05
CA SER A 184 13.09 1.10 2.42
C SER A 184 13.03 2.25 3.43
N ASP A 185 13.69 3.40 3.13
CA ASP A 185 13.59 4.52 4.07
C ASP A 185 12.16 5.08 4.17
N PHE A 186 11.35 4.83 3.15
CA PHE A 186 9.96 5.28 3.12
C PHE A 186 9.09 4.64 4.23
N LEU A 187 9.38 3.40 4.60
CA LEU A 187 8.58 2.72 5.62
C LEU A 187 8.50 3.47 6.94
N LEU A 188 9.59 4.14 7.31
CA LEU A 188 9.68 4.81 8.62
C LEU A 188 9.45 6.33 8.53
N TYR A 189 8.95 6.78 7.37
CA TYR A 189 8.47 8.17 7.23
C TYR A 189 7.56 8.54 8.41
N LYS A 190 7.84 9.66 9.05
CA LYS A 190 6.93 10.24 10.04
C LYS A 190 6.46 11.67 9.76
N SER A 191 7.30 12.54 9.19
CA SER A 191 6.85 13.91 8.99
C SER A 191 7.77 14.63 8.00
N GLY A 192 7.34 15.82 7.59
CA GLY A 192 8.15 16.67 6.67
C GLY A 192 8.05 16.12 5.25
N VAL A 193 8.98 16.52 4.38
CA VAL A 193 8.90 16.16 2.97
C VAL A 193 9.79 14.96 2.75
N TYR A 194 9.19 13.85 2.35
CA TYR A 194 9.96 12.65 2.02
C TYR A 194 10.84 12.86 0.77
N GLN A 195 12.13 12.53 0.90
CA GLN A 195 13.04 12.42 -0.22
C GLN A 195 13.81 11.11 0.00
N HIS A 196 13.95 10.33 -1.03
CA HIS A 196 14.68 9.08 -0.95
C HIS A 196 16.17 9.37 -0.76
N VAL A 197 16.72 8.85 0.34
CA VAL A 197 18.12 9.12 0.67
C VAL A 197 18.89 7.86 1.06
N THR A 198 18.19 6.79 1.43
CA THR A 198 18.84 5.49 1.66
C THR A 198 17.86 4.37 1.48
N GLY A 199 18.38 3.15 1.49
CA GLY A 199 17.51 1.97 1.50
C GLY A 199 17.34 1.40 0.13
N GLU A 200 16.93 0.13 0.09
CA GLU A 200 16.87 -0.63 -1.14
C GLU A 200 15.53 -0.39 -1.82
N MET A 201 15.47 -0.62 -3.13
CA MET A 201 14.22 -0.57 -3.84
C MET A 201 13.27 -1.65 -3.42
N MET A 202 12.00 -1.27 -3.23
CA MET A 202 10.99 -2.21 -2.80
C MET A 202 9.78 -2.40 -3.72
N GLY A 203 9.84 -1.78 -4.87
CA GLY A 203 8.81 -1.91 -5.88
C GLY A 203 7.91 -0.70 -5.98
N GLY A 204 7.09 -0.69 -7.04
CA GLY A 204 6.18 0.42 -7.26
C GLY A 204 4.94 0.39 -6.36
N HIS A 205 4.43 1.55 -6.02
CA HIS A 205 3.31 1.61 -5.06
C HIS A 205 2.30 2.62 -5.50
N ALA A 206 1.01 2.29 -5.47
CA ALA A 206 0.00 3.24 -5.93
C ALA A 206 -0.57 4.04 -4.77
N ILE A 207 -0.76 5.35 -5.00
CA ILE A 207 -1.24 6.22 -3.92
C ILE A 207 -2.23 7.26 -4.46
N ARG A 208 -2.72 8.15 -3.57
CA ARG A 208 -3.66 9.22 -3.98
C ARG A 208 -2.97 10.58 -3.75
N ILE A 209 -2.90 11.43 -4.75
CA ILE A 209 -2.27 12.76 -4.63
C ILE A 209 -3.39 13.81 -4.59
N LEU A 210 -3.41 14.56 -3.48
CA LEU A 210 -4.56 15.43 -3.19
C LEU A 210 -4.19 16.88 -2.97
N GLY A 211 -2.98 17.26 -3.33
CA GLY A 211 -2.62 18.70 -3.14
C GLY A 211 -1.13 18.88 -3.22
N TRP A 212 -0.68 20.09 -2.91
CA TRP A 212 0.73 20.46 -2.93
C TRP A 212 1.02 21.62 -1.99
N GLY A 213 2.29 21.84 -1.69
CA GLY A 213 2.66 23.04 -0.95
C GLY A 213 4.15 23.21 -0.92
N VAL A 214 4.62 23.98 0.05
CA VAL A 214 6.05 24.17 0.26
C VAL A 214 6.27 24.13 1.78
N GLU A 215 7.22 23.31 2.23
CA GLU A 215 7.56 23.24 3.64
C GLU A 215 9.03 23.47 3.84
N ASN A 216 9.40 24.42 4.71
CA ASN A 216 10.80 24.84 4.88
C ASN A 216 11.52 25.03 3.53
N GLY A 217 10.83 25.60 2.55
CA GLY A 217 11.44 25.93 1.27
C GLY A 217 11.45 24.74 0.32
N THR A 218 10.87 23.61 0.70
CA THR A 218 10.86 22.41 -0.13
C THR A 218 9.47 22.17 -0.71
N PRO A 219 9.35 22.22 -2.06
CA PRO A 219 8.08 21.95 -2.74
C PRO A 219 7.66 20.49 -2.57
N TYR A 220 6.39 20.28 -2.31
CA TYR A 220 5.97 18.90 -2.09
C TYR A 220 4.60 18.62 -2.70
N TRP A 221 4.27 17.32 -2.80
CA TRP A 221 2.94 16.79 -3.14
C TRP A 221 2.39 16.26 -1.81
N LEU A 222 1.11 16.53 -1.56
CA LEU A 222 0.37 15.92 -0.44
C LEU A 222 -0.28 14.65 -0.91
N VAL A 223 -0.01 13.56 -0.15
CA VAL A 223 -0.33 12.21 -0.68
C VAL A 223 -0.92 11.39 0.45
N ALA A 224 -1.96 10.62 0.15
CA ALA A 224 -2.51 9.69 1.10
C ALA A 224 -1.96 8.32 0.82
N ASN A 225 -1.52 7.61 1.88
CA ASN A 225 -1.14 6.21 1.75
C ASN A 225 -2.31 5.32 2.20
N SER A 226 -2.20 4.00 1.99
CA SER A 226 -3.28 3.07 2.36
C SER A 226 -2.78 2.08 3.39
N TRP A 227 -1.96 2.53 4.32
CA TRP A 227 -1.43 1.69 5.37
C TRP A 227 -1.99 2.10 6.76
N ASN A 228 -3.22 2.60 6.77
CA ASN A 228 -3.89 3.05 7.99
C ASN A 228 -3.35 4.37 8.54
N THR A 229 -4.08 4.91 9.53
CA THR A 229 -3.78 6.25 10.04
C THR A 229 -2.56 6.24 10.97
N ASP A 230 -2.22 5.07 11.49
CA ASP A 230 -1.05 5.00 12.38
C ASP A 230 0.24 5.20 11.60
N TRP A 231 0.22 4.93 10.29
CA TRP A 231 1.45 5.09 9.50
C TRP A 231 1.74 6.57 9.18
N GLY A 232 3.03 6.95 9.21
CA GLY A 232 3.40 8.27 8.63
C GLY A 232 2.68 9.42 9.34
N ASP A 233 2.28 10.44 8.59
CA ASP A 233 1.69 11.61 9.23
C ASP A 233 0.18 11.40 9.25
N ASN A 234 -0.28 10.60 10.19
CA ASN A 234 -1.68 10.30 10.25
C ASN A 234 -2.19 9.72 8.95
N GLY A 235 -1.36 8.89 8.33
CA GLY A 235 -1.74 8.16 7.11
C GLY A 235 -1.33 8.85 5.81
N PHE A 236 -1.02 10.16 5.88
CA PHE A 236 -0.64 10.98 4.74
C PHE A 236 0.91 11.12 4.73
N PHE A 237 1.44 11.61 3.60
CA PHE A 237 2.84 12.01 3.61
C PHE A 237 3.02 13.15 2.59
N LYS A 238 4.16 13.80 2.65
CA LYS A 238 4.52 14.78 1.66
C LYS A 238 5.74 14.20 0.98
N ILE A 239 5.83 14.44 -0.33
CA ILE A 239 6.99 13.89 -1.11
C ILE A 239 7.47 14.98 -2.03
N LEU A 240 8.80 15.08 -2.23
CA LEU A 240 9.37 16.13 -3.08
C LEU A 240 8.64 16.25 -4.43
N ARG A 241 8.33 17.49 -4.81
CA ARG A 241 7.60 17.81 -6.05
C ARG A 241 8.53 18.58 -7.02
N GLY A 242 8.41 18.29 -8.34
CA GLY A 242 9.11 19.05 -9.36
C GLY A 242 10.27 18.39 -10.05
N GLN A 243 10.61 17.17 -9.61
CA GLN A 243 11.82 16.47 -10.09
C GLN A 243 11.49 15.03 -10.41
N ASP A 244 10.21 14.78 -10.68
CA ASP A 244 9.70 13.41 -10.83
C ASP A 244 10.37 12.45 -9.84
N HIS A 245 10.36 12.84 -8.58
CA HIS A 245 11.10 12.14 -7.55
C HIS A 245 10.51 10.75 -7.34
N CYS A 246 11.32 9.70 -7.42
CA CYS A 246 10.79 8.32 -7.29
C CYS A 246 9.69 8.03 -8.33
N GLY A 247 9.64 8.82 -9.39
CA GLY A 247 8.62 8.61 -10.45
C GLY A 247 7.23 9.11 -10.08
N ILE A 248 7.13 9.92 -9.01
CA ILE A 248 5.81 10.32 -8.46
C ILE A 248 4.95 11.07 -9.52
N GLU A 249 5.60 11.71 -10.51
CA GLU A 249 4.89 12.48 -11.56
C GLU A 249 4.66 11.68 -12.86
N SER A 250 5.11 10.42 -12.90
CA SER A 250 5.23 9.72 -14.20
C SER A 250 4.09 8.82 -14.54
N GLU A 251 3.28 8.48 -13.57
CA GLU A 251 2.21 7.49 -13.84
C GLU A 251 0.93 7.95 -13.20
N VAL A 252 0.59 9.21 -13.43
CA VAL A 252 -0.65 9.79 -12.82
C VAL A 252 -1.88 9.50 -13.72
N VAL A 253 -2.97 9.05 -13.11
CA VAL A 253 -4.19 8.72 -13.88
C VAL A 253 -5.39 9.29 -13.17
N ALA A 254 -6.44 9.56 -13.97
CA ALA A 254 -7.68 10.03 -13.34
C ALA A 254 -8.85 9.85 -14.32
N GLY A 255 -9.98 10.48 -14.01
CA GLY A 255 -11.21 10.32 -14.81
C GLY A 255 -12.28 11.19 -14.18
N ILE A 256 -13.31 11.52 -14.96
CA ILE A 256 -14.39 12.36 -14.49
C ILE A 256 -15.61 11.43 -14.25
N PRO A 257 -16.32 11.61 -13.13
CA PRO A 257 -17.49 10.77 -12.88
C PRO A 257 -18.66 11.13 -13.76
N ARG A 258 -19.53 10.14 -14.02
CA ARG A 258 -20.83 10.39 -14.62
C ARG A 258 -21.72 10.89 -13.49
N THR A 259 -22.63 11.81 -13.78
CA THR A 259 -23.44 12.47 -12.76
C THR A 259 -24.44 11.45 -12.24
N ASP A 260 -24.39 11.13 -10.96
CA ASP A 260 -25.50 10.37 -10.38
C ASP A 260 -26.51 11.34 -9.74
N GLN A 261 -26.01 12.24 -8.90
CA GLN A 261 -26.82 13.02 -7.92
C GLN A 261 -28.24 12.49 -7.65
N SER B 2 25.89 -22.58 0.94
CA SER B 2 24.61 -21.85 0.74
C SER B 2 23.44 -22.85 0.57
N HIS B 3 22.41 -22.75 1.41
CA HIS B 3 21.45 -23.86 1.51
C HIS B 3 20.12 -23.67 0.78
N LYS B 4 19.71 -22.42 0.63
CA LYS B 4 18.36 -22.06 0.17
C LYS B 4 17.24 -22.50 1.12
N VAL B 5 17.35 -21.99 2.34
CA VAL B 5 16.40 -22.29 3.37
C VAL B 5 15.18 -21.42 3.07
N THR B 6 14.03 -22.05 2.99
CA THR B 6 12.74 -21.39 2.72
C THR B 6 11.77 -21.68 3.87
N LYS B 7 10.57 -21.12 3.80
CA LYS B 7 9.51 -21.36 4.81
C LYS B 7 9.23 -22.81 5.05
N ALA B 8 9.31 -23.60 3.98
CA ALA B 8 9.10 -25.04 4.06
C ALA B 8 10.05 -25.64 5.08
N HIS B 9 11.12 -24.92 5.39
CA HIS B 9 12.14 -25.39 6.32
C HIS B 9 12.13 -24.69 7.69
N ASN B 10 11.07 -23.93 7.97
CA ASN B 10 10.83 -23.31 9.27
C ASN B 10 11.06 -24.31 10.40
N GLY B 11 11.89 -23.92 11.35
CA GLY B 11 12.15 -24.74 12.52
C GLY B 11 13.31 -25.71 12.36
N ALA B 12 13.94 -25.75 11.18
CA ALA B 12 15.04 -26.70 11.00
C ALA B 12 16.30 -26.31 11.79
N THR B 13 17.10 -27.32 12.11
CA THR B 13 18.47 -27.11 12.57
C THR B 13 19.35 -27.49 11.40
N LEU B 14 20.15 -26.55 10.91
CA LEU B 14 21.14 -26.84 9.87
C LEU B 14 22.50 -27.01 10.52
N THR B 15 23.20 -28.07 10.15
CA THR B 15 24.60 -28.21 10.55
C THR B 15 25.46 -27.48 9.52
N VAL B 16 26.30 -26.57 10.01
CA VAL B 16 27.03 -25.65 9.18
C VAL B 16 28.46 -25.51 9.72
N ALA B 17 29.39 -25.08 8.88
CA ALA B 17 30.74 -24.82 9.37
C ALA B 17 30.84 -23.36 9.79
N VAL B 18 31.69 -23.06 10.77
CA VAL B 18 31.98 -21.68 11.11
C VAL B 18 32.56 -21.05 9.85
N GLY B 19 32.01 -19.92 9.42
CA GLY B 19 32.43 -19.28 8.17
C GLY B 19 31.52 -19.53 6.98
N GLU B 20 30.68 -20.56 7.05
CA GLU B 20 29.80 -20.93 5.93
C GLU B 20 28.61 -19.97 5.79
N LEU B 21 28.28 -19.64 4.55
CA LEU B 21 27.12 -18.82 4.24
C LEU B 21 25.88 -19.68 4.08
N VAL B 22 24.81 -19.24 4.70
CA VAL B 22 23.53 -19.89 4.65
C VAL B 22 22.56 -18.86 4.07
N GLU B 23 21.83 -19.26 3.04
CA GLU B 23 20.95 -18.35 2.33
C GLU B 23 19.52 -18.66 2.68
N ILE B 24 18.84 -17.67 3.22
CA ILE B 24 17.42 -17.78 3.58
C ILE B 24 16.62 -16.98 2.53
N GLN B 25 15.56 -17.55 1.97
CA GLN B 25 14.63 -16.81 1.10
C GLN B 25 13.21 -16.91 1.65
N LEU B 26 12.59 -15.76 1.86
CA LEU B 26 11.23 -15.66 2.37
C LEU B 26 10.36 -14.74 1.50
N PRO B 27 9.08 -15.11 1.31
CA PRO B 27 8.20 -14.22 0.59
C PRO B 27 7.94 -12.94 1.39
N SER B 28 7.84 -11.82 0.67
CA SER B 28 7.72 -10.56 1.33
C SER B 28 7.02 -9.62 0.36
N ASN B 29 6.17 -8.76 0.90
CA ASN B 29 5.50 -7.73 0.08
C ASN B 29 5.51 -6.36 0.80
N PRO B 30 6.63 -5.65 0.73
CA PRO B 30 6.74 -4.41 1.44
C PRO B 30 5.81 -3.28 0.92
N THR B 31 5.11 -3.49 -0.20
CA THR B 31 4.12 -2.47 -0.61
C THR B 31 2.86 -2.54 0.22
N THR B 32 2.76 -3.59 1.04
CA THR B 32 1.72 -3.64 2.05
C THR B 32 2.22 -3.08 3.38
N GLY B 33 3.47 -2.67 3.43
CA GLY B 33 4.05 -2.12 4.68
C GLY B 33 4.85 -3.13 5.50
N PHE B 34 4.75 -4.41 5.14
CA PHE B 34 5.38 -5.52 5.87
C PHE B 34 6.75 -5.88 5.31
N ALA B 35 7.60 -6.32 6.20
CA ALA B 35 8.86 -6.96 5.77
C ALA B 35 9.41 -7.76 6.97
N TRP B 36 10.47 -8.50 6.73
CA TRP B 36 11.02 -9.41 7.76
C TRP B 36 12.08 -8.68 8.57
N TYR B 37 11.99 -8.78 9.90
CA TYR B 37 12.95 -8.13 10.79
C TYR B 37 13.37 -9.07 11.92
N PHE B 38 14.55 -8.81 12.46
CA PHE B 38 14.97 -9.38 13.72
C PHE B 38 14.24 -8.60 14.81
N GLU B 39 14.14 -9.19 16.00
CA GLU B 39 13.46 -8.57 17.15
C GLU B 39 13.87 -7.10 17.26
N GLY B 40 12.88 -6.22 17.34
CA GLY B 40 13.13 -4.79 17.44
C GLY B 40 13.27 -4.05 16.12
N GLY B 41 12.88 -4.68 15.02
CA GLY B 41 12.73 -3.95 13.75
C GLY B 41 14.01 -3.63 12.99
N THR B 42 15.02 -4.46 13.15
CA THR B 42 16.28 -4.30 12.43
C THR B 42 16.50 -5.50 11.51
N LYS B 43 17.29 -5.31 10.46
CA LYS B 43 17.76 -6.43 9.62
C LYS B 43 19.14 -6.89 10.04
N GLU B 44 19.73 -6.20 11.01
CA GLU B 44 21.04 -6.56 11.53
C GLU B 44 20.95 -7.75 12.47
N SER B 45 22.01 -8.55 12.47
CA SER B 45 22.18 -9.59 13.47
C SER B 45 21.96 -9.06 14.88
N PRO B 46 21.18 -9.80 15.70
CA PRO B 46 21.12 -9.51 17.14
C PRO B 46 22.50 -9.57 17.82
N ASN B 47 23.38 -10.45 17.32
CA ASN B 47 24.70 -10.66 17.93
C ASN B 47 25.72 -10.98 16.85
N GLU B 48 26.48 -9.97 16.43
CA GLU B 48 27.54 -10.10 15.42
C GLU B 48 28.60 -11.17 15.70
N SER B 49 28.93 -11.40 16.97
CA SER B 49 29.93 -12.42 17.30
C SER B 49 29.39 -13.85 17.13
N MET B 50 28.08 -13.99 17.20
CA MET B 50 27.39 -15.26 16.92
C MET B 50 27.24 -15.48 15.40
N PHE B 51 26.58 -14.54 14.71
CA PHE B 51 26.50 -14.62 13.24
C PHE B 51 26.32 -13.25 12.62
N THR B 52 26.79 -13.06 11.39
CA THR B 52 26.52 -11.83 10.64
C THR B 52 25.44 -12.03 9.60
N VAL B 53 24.77 -10.95 9.21
CA VAL B 53 23.69 -11.05 8.21
C VAL B 53 23.78 -9.94 7.17
N GLU B 54 23.58 -10.29 5.90
CA GLU B 54 23.33 -9.32 4.84
C GLU B 54 21.95 -9.62 4.25
N ASN B 55 21.28 -8.62 3.74
CA ASN B 55 19.95 -8.82 3.24
C ASN B 55 19.72 -8.08 1.91
N LYS B 56 18.81 -8.62 1.11
CA LYS B 56 18.42 -7.92 -0.12
C LYS B 56 17.01 -8.32 -0.52
N TYR B 57 16.19 -7.35 -0.92
CA TYR B 57 14.83 -7.65 -1.34
C TYR B 57 14.81 -7.67 -2.87
N PHE B 58 14.07 -8.62 -3.41
CA PHE B 58 13.95 -8.83 -4.86
C PHE B 58 12.51 -8.55 -5.27
N PRO B 59 12.24 -7.32 -5.74
CA PRO B 59 10.91 -6.96 -6.19
C PRO B 59 10.65 -7.57 -7.53
N PRO B 60 9.38 -7.84 -7.85
CA PRO B 60 9.04 -8.11 -9.23
C PRO B 60 9.47 -6.91 -10.06
N ASP B 61 10.06 -7.16 -11.20
CA ASP B 61 10.58 -6.08 -11.98
C ASP B 61 9.51 -5.62 -12.99
N SER B 62 8.36 -5.13 -12.51
CA SER B 62 7.23 -4.90 -13.43
C SER B 62 6.21 -3.87 -12.89
N LYS B 63 5.21 -3.57 -13.71
CA LYS B 63 4.19 -2.61 -13.36
C LYS B 63 3.00 -3.29 -12.70
N LEU B 64 3.20 -4.53 -12.27
CA LEU B 64 2.15 -5.23 -11.48
C LEU B 64 2.29 -4.73 -10.04
N LEU B 65 1.58 -3.65 -9.71
CA LEU B 65 1.90 -2.96 -8.45
C LEU B 65 1.28 -3.68 -7.29
N GLY B 66 2.12 -4.04 -6.31
CA GLY B 66 1.70 -4.83 -5.16
C GLY B 66 1.92 -6.33 -5.28
N ALA B 67 2.59 -6.76 -6.35
CA ALA B 67 2.93 -8.18 -6.44
C ALA B 67 4.00 -8.45 -5.39
N GLY B 68 3.98 -9.61 -4.75
CA GLY B 68 4.99 -9.90 -3.73
C GLY B 68 6.30 -10.35 -4.36
N GLY B 69 7.40 -10.14 -3.65
CA GLY B 69 8.72 -10.53 -4.11
C GLY B 69 9.28 -11.42 -3.02
N THR B 70 10.59 -11.42 -2.86
CA THR B 70 11.23 -12.32 -1.88
C THR B 70 12.40 -11.59 -1.24
N GLU B 71 12.57 -11.77 0.07
CA GLU B 71 13.71 -11.20 0.77
C GLU B 71 14.73 -12.29 0.98
N HIS B 72 15.99 -11.97 0.70
CA HIS B 72 17.09 -12.90 0.89
C HIS B 72 17.92 -12.42 2.09
N PHE B 73 18.20 -13.33 3.00
CA PHE B 73 19.11 -13.04 4.06
C PHE B 73 20.27 -13.98 3.89
N HIS B 74 21.48 -13.44 3.92
CA HIS B 74 22.70 -14.22 3.82
C HIS B 74 23.35 -14.22 5.20
N VAL B 75 23.28 -15.36 5.87
CA VAL B 75 23.77 -15.46 7.23
C VAL B 75 25.10 -16.23 7.24
N THR B 76 26.14 -15.61 7.79
CA THR B 76 27.44 -16.29 7.99
C THR B 76 27.66 -16.61 9.48
N VAL B 77 27.81 -17.90 9.84
CA VAL B 77 28.04 -18.26 11.23
C VAL B 77 29.48 -17.92 11.61
N LYS B 78 29.65 -17.29 12.78
CA LYS B 78 30.97 -16.81 13.23
C LYS B 78 31.60 -17.62 14.38
N ALA B 79 30.79 -18.39 15.10
CA ALA B 79 31.26 -19.13 16.28
C ALA B 79 30.58 -20.47 16.42
N ALA B 80 31.26 -21.39 17.11
CA ALA B 80 30.71 -22.70 17.41
C ALA B 80 29.44 -22.56 18.22
N GLY B 81 28.60 -23.61 18.19
CA GLY B 81 27.35 -23.61 18.94
C GLY B 81 26.12 -23.65 18.06
N THR B 82 24.95 -23.67 18.68
CA THR B 82 23.67 -23.62 17.96
C THR B 82 23.07 -22.23 18.10
N HIS B 83 22.85 -21.59 16.96
CA HIS B 83 22.44 -20.19 16.91
C HIS B 83 21.10 -20.06 16.24
N ALA B 84 20.13 -19.50 16.97
CA ALA B 84 18.78 -19.23 16.46
C ALA B 84 18.73 -17.98 15.57
N VAL B 85 18.16 -18.12 14.39
CA VAL B 85 17.90 -16.98 13.55
C VAL B 85 16.41 -16.84 13.59
N ASN B 86 15.94 -15.81 14.30
CA ASN B 86 14.51 -15.54 14.52
C ASN B 86 14.09 -14.28 13.76
N LEU B 87 13.25 -14.45 12.73
CA LEU B 87 12.71 -13.33 11.99
C LEU B 87 11.21 -13.23 12.19
N THR B 88 10.68 -12.00 12.10
CA THR B 88 9.25 -11.81 12.24
C THR B 88 8.77 -10.92 11.08
N TYR B 89 7.62 -11.28 10.49
CA TYR B 89 7.03 -10.50 9.39
C TYR B 89 6.06 -9.44 9.96
N MET B 90 6.40 -8.16 9.83
CA MET B 90 5.62 -7.09 10.50
C MET B 90 5.74 -5.75 9.80
N ARG B 91 4.76 -4.86 10.04
CA ARG B 91 4.97 -3.45 9.68
C ARG B 91 5.86 -2.89 10.80
N PRO B 92 7.01 -2.29 10.45
CA PRO B 92 7.98 -1.86 11.51
C PRO B 92 7.53 -0.75 12.49
N TRP B 93 6.53 0.05 12.12
CA TRP B 93 6.01 1.09 13.04
C TRP B 93 5.02 0.56 14.05
N THR B 94 4.55 -0.66 13.84
CA THR B 94 3.44 -1.26 14.55
C THR B 94 3.98 -2.11 15.70
N GLY B 95 5.14 -2.73 15.49
CA GLY B 95 5.65 -3.78 16.38
C GLY B 95 5.06 -5.14 15.99
N PRO B 96 5.61 -6.23 16.56
CA PRO B 96 4.96 -7.51 16.31
C PRO B 96 3.92 -7.78 17.39
N SER B 97 3.12 -8.82 17.17
CA SER B 97 2.16 -9.30 18.14
C SER B 97 2.29 -10.81 18.16
N HIS B 98 1.57 -11.45 19.07
CA HIS B 98 1.65 -12.90 19.17
C HIS B 98 1.13 -13.63 17.93
N ASP B 99 0.33 -12.97 17.12
CA ASP B 99 -0.16 -13.56 15.86
C ASP B 99 0.80 -13.38 14.68
N SER B 100 1.90 -12.64 14.88
CA SER B 100 2.79 -12.29 13.77
C SER B 100 3.44 -13.54 13.20
N GLU B 101 3.58 -13.58 11.88
CA GLU B 101 4.21 -14.70 11.25
C GLU B 101 5.70 -14.68 11.59
N ARG B 102 6.18 -15.83 12.02
CA ARG B 102 7.57 -15.98 12.36
C ARG B 102 8.28 -17.04 11.53
N PHE B 103 9.58 -16.83 11.38
CA PHE B 103 10.44 -17.80 10.75
C PHE B 103 11.66 -17.97 11.63
N THR B 104 12.02 -19.23 11.88
CA THR B 104 13.19 -19.52 12.67
C THR B 104 13.97 -20.67 12.09
N VAL B 105 15.29 -20.52 12.06
CA VAL B 105 16.14 -21.68 11.81
C VAL B 105 17.31 -21.63 12.76
N TYR B 106 17.81 -22.81 13.09
CA TYR B 106 18.89 -22.93 14.03
C TYR B 106 20.11 -23.38 13.27
N LEU B 107 21.20 -22.67 13.48
CA LEU B 107 22.43 -22.93 12.78
C LEU B 107 23.45 -23.47 13.78
N LYS B 108 23.86 -24.70 13.52
CA LYS B 108 24.71 -25.42 14.44
C LYS B 108 26.09 -25.52 13.85
N ALA B 109 27.07 -24.94 14.55
CA ALA B 109 28.47 -25.01 14.14
C ALA B 109 29.29 -25.70 15.24
N ASN B 110 30.29 -26.46 14.82
CA ASN B 110 31.24 -27.03 15.75
C ASN B 110 32.45 -26.11 15.91
P PO4 C . -19.57 -6.22 -12.00
O1 PO4 C . -18.65 -5.04 -11.85
O2 PO4 C . -20.95 -5.73 -12.45
O3 PO4 C . -19.00 -7.20 -13.02
O4 PO4 C . -19.62 -6.94 -10.65
P PO4 D . -16.50 -11.01 -0.68
O1 PO4 D . -16.18 -9.66 -1.28
O2 PO4 D . -18.00 -11.07 -0.49
O3 PO4 D . -16.11 -12.12 -1.64
O4 PO4 D . -15.81 -11.18 0.66
P PO4 E . 5.39 8.49 -18.93
O1 PO4 E . 6.20 7.84 -17.83
O2 PO4 E . 4.77 9.76 -18.39
O3 PO4 E . 6.27 8.80 -20.11
O4 PO4 E . 4.32 7.52 -19.36
P PO4 F . 21.13 -14.64 -3.86
O1 PO4 F . 21.76 -13.30 -3.55
O2 PO4 F . 20.31 -15.11 -2.67
O3 PO4 F . 20.23 -14.48 -5.07
O4 PO4 F . 22.22 -15.65 -4.13
#